data_4RD8
#
_entry.id   4RD8
#
_cell.length_a   66.102
_cell.length_b   65.824
_cell.length_c   103.413
_cell.angle_alpha   90.00
_cell.angle_beta   90.00
_cell.angle_gamma   90.00
#
_symmetry.space_group_name_H-M   'P 21 21 21'
#
loop_
_entity.id
_entity.type
_entity.pdbx_description
1 polymer 'Uncharacterized protein'
2 water water
#
_entity_poly.entity_id   1
_entity_poly.type   'polypeptide(L)'
_entity_poly.pdbx_seq_one_letter_code
;GH(MSE)FFSKDEKNPIKRALQGELLQNEPFIQLCTKIENYL(MSE)DTEAVNEQLIELNEQLT(MSE)RLKEKGLKPGE
KGATKQLRTLIQEILTEAGFREG(MSE)LQTIGNKPLAAADF(MSE)FLVSSGF(MSE)LKDSSLRASSHGELTHAIQWC
LIILKRKKDSSFLENIPTSEICDRIYKKLGHQDSSNPNYPFTCWDVLIDKLGEIDSRSPEWLSDHIQNDEDQIFPVLREV
IKNRTEKGKTEENKGKLQKKLENGS
;
_entity_poly.pdbx_strand_id   A,B
#
# COMPACT_ATOMS: atom_id res chain seq x y z
N ASN A 11 3.65 -11.16 33.08
CA ASN A 11 3.47 -10.98 31.64
C ASN A 11 2.01 -11.05 31.22
N PRO A 12 1.23 -10.00 31.53
CA PRO A 12 -0.20 -9.93 31.17
C PRO A 12 -0.38 -9.94 29.65
N ILE A 13 0.70 -9.66 28.93
CA ILE A 13 0.78 -9.83 27.48
C ILE A 13 0.25 -11.20 27.01
N LYS A 14 0.47 -12.21 27.84
CA LYS A 14 0.04 -13.57 27.52
C LYS A 14 -1.47 -13.70 27.36
N ARG A 15 -2.21 -12.78 27.98
CA ARG A 15 -3.68 -12.81 27.85
C ARG A 15 -4.10 -12.64 26.39
N ALA A 16 -3.28 -11.94 25.60
CA ALA A 16 -3.61 -11.67 24.21
C ALA A 16 -3.10 -12.75 23.27
N LEU A 17 -2.44 -13.77 23.82
CA LEU A 17 -1.79 -14.78 22.99
C LEU A 17 -2.46 -16.14 23.03
N GLN A 18 -2.36 -16.86 21.91
CA GLN A 18 -2.81 -18.24 21.84
C GLN A 18 -1.87 -19.01 20.93
N GLY A 19 -2.16 -20.29 20.71
CA GLY A 19 -1.40 -21.11 19.78
C GLY A 19 0.10 -21.16 20.04
N GLU A 20 0.90 -21.02 18.99
CA GLU A 20 2.36 -21.09 19.10
C GLU A 20 2.94 -19.90 19.86
N LEU A 21 2.38 -18.71 19.66
CA LEU A 21 2.94 -17.51 20.29
C LEU A 21 2.82 -17.59 21.80
N LEU A 22 1.74 -18.19 22.28
CA LEU A 22 1.51 -18.36 23.71
C LEU A 22 2.62 -19.20 24.36
N GLN A 23 3.21 -20.10 23.57
CA GLN A 23 4.23 -21.00 24.07
C GLN A 23 5.63 -20.53 23.71
N ASN A 24 5.69 -19.38 23.06
CA ASN A 24 6.96 -18.84 22.57
C ASN A 24 7.54 -17.88 23.61
N GLU A 25 8.33 -18.42 24.54
CA GLU A 25 8.88 -17.60 25.61
C GLU A 25 9.76 -16.43 25.13
N PRO A 26 10.62 -16.65 24.12
CA PRO A 26 11.41 -15.51 23.67
C PRO A 26 10.53 -14.37 23.13
N PHE A 27 9.45 -14.72 22.43
CA PHE A 27 8.54 -13.70 21.91
C PHE A 27 7.89 -12.94 23.06
N ILE A 28 7.42 -13.69 24.06
CA ILE A 28 6.75 -13.10 25.21
C ILE A 28 7.71 -12.15 25.92
N GLN A 29 8.96 -12.57 26.07
CA GLN A 29 9.97 -11.74 26.72
C GLN A 29 10.20 -10.45 25.94
N LEU A 30 10.28 -10.54 24.61
CA LEU A 30 10.48 -9.38 23.77
C LEU A 30 9.33 -8.38 23.91
N CYS A 31 8.10 -8.89 23.91
CA CYS A 31 6.93 -8.02 24.08
C CYS A 31 6.91 -7.37 25.46
N THR A 32 7.30 -8.13 26.47
CA THR A 32 7.30 -7.63 27.84
C THR A 32 8.30 -6.49 27.96
N LYS A 33 9.46 -6.63 27.34
CA LYS A 33 10.47 -5.58 27.36
C LYS A 33 9.95 -4.30 26.68
N ILE A 34 9.29 -4.46 25.54
CA ILE A 34 8.70 -3.33 24.83
C ILE A 34 7.64 -2.63 25.67
N GLU A 35 6.78 -3.42 26.30
CA GLU A 35 5.71 -2.86 27.12
C GLU A 35 6.32 -2.08 28.27
N ASN A 36 7.35 -2.63 28.89
CA ASN A 36 7.97 -1.99 30.04
C ASN A 36 8.72 -0.72 29.66
N TYR A 37 9.22 -0.67 28.43
CA TYR A 37 9.93 0.49 27.90
C TYR A 37 8.94 1.62 27.60
N LEU A 38 7.90 1.33 26.85
CA LEU A 38 6.91 2.35 26.48
C LEU A 38 6.15 2.94 27.67
N ASP A 40 7.62 3.64 30.34
CA ASP A 40 8.66 4.37 31.03
C ASP A 40 8.95 5.66 30.26
N THR A 41 8.30 6.75 30.65
CA THR A 41 8.43 7.99 29.89
C THR A 41 9.86 8.54 29.93
N GLU A 42 10.53 8.40 31.07
CA GLU A 42 11.94 8.78 31.19
C GLU A 42 12.79 8.13 30.10
N ALA A 43 12.62 6.83 29.91
CA ALA A 43 13.36 6.11 28.88
C ALA A 43 12.93 6.52 27.45
N VAL A 44 11.63 6.63 27.23
CA VAL A 44 11.12 7.03 25.92
C VAL A 44 11.65 8.41 25.49
N ASN A 45 11.69 9.36 26.43
CA ASN A 45 12.21 10.69 26.14
C ASN A 45 13.62 10.66 25.56
N GLU A 46 14.43 9.71 26.04
CA GLU A 46 15.81 9.59 25.58
C GLU A 46 15.85 9.30 24.08
N GLN A 47 14.99 8.40 23.61
CA GLN A 47 14.91 8.12 22.18
C GLN A 47 14.22 9.22 21.38
N LEU A 48 13.28 9.94 22.01
CA LEU A 48 12.66 11.08 21.35
C LEU A 48 13.66 12.21 21.15
N ILE A 49 14.50 12.43 22.15
CA ILE A 49 15.61 13.37 22.03
C ILE A 49 16.53 12.97 20.87
N GLU A 50 16.83 11.68 20.78
CA GLU A 50 17.71 11.17 19.72
C GLU A 50 17.07 11.37 18.35
N LEU A 51 15.79 11.06 18.26
CA LEU A 51 15.05 11.21 17.00
C LEU A 51 15.03 12.69 16.61
N ASN A 52 14.80 13.55 17.60
CA ASN A 52 14.82 14.99 17.39
C ASN A 52 16.18 15.48 16.91
N GLU A 53 17.24 14.88 17.45
CA GLU A 53 18.58 15.31 17.11
C GLU A 53 18.96 14.86 15.70
N GLN A 54 18.55 13.65 15.33
CA GLN A 54 18.81 13.16 13.98
C GLN A 54 18.05 13.99 12.94
N LEU A 55 16.80 14.33 13.24
CA LEU A 55 16.00 15.19 12.38
C LEU A 55 16.58 16.59 12.25
N THR A 56 16.97 17.18 13.39
CA THR A 56 17.61 18.50 13.39
C THR A 56 18.85 18.51 12.51
N ARG A 58 19.45 16.51 10.04
CA ARG A 58 18.99 16.28 8.67
C ARG A 58 18.53 17.57 8.00
N LEU A 59 17.66 18.31 8.68
CA LEU A 59 17.14 19.57 8.16
C LEU A 59 18.26 20.58 7.89
N LYS A 60 19.16 20.71 8.86
CA LYS A 60 20.25 21.67 8.77
C LYS A 60 21.18 21.38 7.60
N GLU A 61 21.51 20.10 7.42
CA GLU A 61 22.38 19.68 6.33
C GLU A 61 21.79 20.07 4.97
N LYS A 62 20.47 20.05 4.88
CA LYS A 62 19.78 20.33 3.62
C LYS A 62 19.30 21.77 3.50
N GLY A 63 19.66 22.59 4.47
CA GLY A 63 19.19 23.96 4.50
C GLY A 63 17.67 24.00 4.53
N LEU A 64 17.11 23.38 5.57
CA LEU A 64 15.66 23.34 5.75
C LEU A 64 15.25 23.86 7.12
N LYS A 65 14.08 24.48 7.20
CA LYS A 65 13.52 24.89 8.48
C LYS A 65 12.44 23.89 8.88
N PRO A 66 12.12 23.81 10.19
CA PRO A 66 11.10 22.87 10.64
C PRO A 66 9.69 23.19 10.12
N GLY A 67 9.43 24.46 9.83
CA GLY A 67 8.17 24.86 9.24
C GLY A 67 8.08 24.54 7.75
N GLU A 68 9.24 24.38 7.12
CA GLU A 68 9.33 24.06 5.70
C GLU A 68 8.56 22.79 5.33
N LYS A 69 8.13 22.71 4.07
CA LYS A 69 7.45 21.53 3.56
C LYS A 69 8.40 20.34 3.61
N GLY A 70 9.59 20.50 3.04
CA GLY A 70 10.59 19.45 2.98
C GLY A 70 10.93 18.83 4.32
N ALA A 71 10.65 19.57 5.41
CA ALA A 71 10.83 19.03 6.76
C ALA A 71 9.93 17.81 7.01
N THR A 72 8.67 17.91 6.61
CA THR A 72 7.74 16.79 6.73
C THR A 72 8.26 15.60 5.94
N LYS A 73 8.80 15.88 4.76
CA LYS A 73 9.38 14.84 3.92
C LYS A 73 10.61 14.24 4.57
N GLN A 74 11.45 15.08 5.16
CA GLN A 74 12.67 14.62 5.82
C GLN A 74 12.40 13.70 7.02
N LEU A 75 11.40 14.04 7.83
CA LEU A 75 11.02 13.21 8.96
C LEU A 75 10.51 11.85 8.48
N ARG A 76 9.72 11.84 7.42
CA ARG A 76 9.17 10.61 6.87
C ARG A 76 10.27 9.69 6.35
N THR A 77 11.25 10.28 5.66
CA THR A 77 12.35 9.49 5.13
C THR A 77 13.26 9.01 6.26
N LEU A 78 13.44 9.84 7.29
CA LEU A 78 14.18 9.40 8.47
C LEU A 78 13.47 8.24 9.16
N ILE A 79 12.16 8.37 9.35
CA ILE A 79 11.38 7.28 9.94
C ILE A 79 11.53 5.99 9.11
N GLN A 80 11.41 6.10 7.78
CA GLN A 80 11.55 4.94 6.92
C GLN A 80 12.94 4.28 7.02
N GLU A 81 13.98 5.10 7.11
CA GLU A 81 15.34 4.55 7.22
C GLU A 81 15.51 3.73 8.49
N ILE A 82 15.00 4.24 9.61
CA ILE A 82 15.06 3.52 10.88
C ILE A 82 14.29 2.20 10.77
N LEU A 83 13.12 2.27 10.17
CA LEU A 83 12.29 1.07 10.01
C LEU A 83 12.95 0.05 9.10
N THR A 84 13.51 0.52 7.99
CA THR A 84 14.20 -0.37 7.07
C THR A 84 15.36 -1.13 7.73
N GLU A 85 16.13 -0.41 8.55
CA GLU A 85 17.23 -1.01 9.31
C GLU A 85 16.77 -2.17 10.18
N ALA A 86 15.51 -2.10 10.62
CA ALA A 86 14.93 -3.11 11.50
C ALA A 86 14.20 -4.21 10.74
N GLY A 87 14.29 -4.19 9.40
CA GLY A 87 13.70 -5.27 8.62
C GLY A 87 12.29 -4.99 8.10
N PHE A 88 11.79 -3.79 8.30
CA PHE A 88 10.49 -3.44 7.72
C PHE A 88 10.60 -3.29 6.21
N ARG A 89 9.47 -3.42 5.51
CA ARG A 89 9.44 -3.14 4.08
C ARG A 89 9.81 -1.68 3.89
N GLU A 90 10.49 -1.39 2.79
CA GLU A 90 10.87 -0.02 2.47
CA GLU A 90 10.88 -0.02 2.45
C GLU A 90 9.71 0.72 1.81
N GLY A 91 9.13 1.65 2.56
CA GLY A 91 7.98 2.39 2.05
C GLY A 91 6.78 2.18 2.95
N LEU A 93 2.93 2.49 3.83
CA LEU A 93 1.74 2.41 2.99
C LEU A 93 0.59 3.24 3.55
N GLN A 94 -0.30 3.66 2.67
CA GLN A 94 -1.63 4.12 3.07
C GLN A 94 -2.55 3.71 1.92
N THR A 95 -3.86 3.89 2.08
CA THR A 95 -4.74 3.71 0.92
C THR A 95 -4.90 5.02 0.16
N ILE A 96 -5.24 4.91 -1.12
CA ILE A 96 -5.57 6.09 -1.89
C ILE A 96 -6.81 6.72 -1.24
N GLY A 97 -6.73 8.01 -0.92
CA GLY A 97 -7.85 8.67 -0.27
C GLY A 97 -7.84 8.52 1.24
N ASN A 98 -6.84 7.85 1.80
CA ASN A 98 -6.71 7.67 3.25
C ASN A 98 -7.91 6.97 3.90
N LYS A 99 -8.54 6.06 3.17
CA LYS A 99 -9.63 5.26 3.71
C LYS A 99 -9.03 4.21 4.64
N PRO A 100 -9.76 3.85 5.71
CA PRO A 100 -9.26 2.78 6.55
C PRO A 100 -9.34 1.44 5.80
N LEU A 101 -8.45 0.51 6.15
CA LEU A 101 -8.53 -0.85 5.66
C LEU A 101 -9.41 -1.62 6.63
N ALA A 102 -10.05 -2.69 6.16
CA ALA A 102 -10.65 -3.64 7.09
C ALA A 102 -9.53 -4.20 7.96
N ALA A 103 -9.86 -4.51 9.23
CA ALA A 103 -8.86 -5.00 10.18
C ALA A 103 -8.09 -6.19 9.63
N ALA A 104 -8.77 -7.10 8.94
CA ALA A 104 -8.10 -8.29 8.41
C ALA A 104 -7.02 -7.94 7.38
N ASP A 105 -7.33 -6.96 6.54
CA ASP A 105 -6.39 -6.51 5.52
C ASP A 105 -5.22 -5.75 6.12
N PHE A 106 -5.53 -4.90 7.11
CA PHE A 106 -4.50 -4.19 7.84
C PHE A 106 -3.54 -5.20 8.51
N PHE A 108 -3.06 -8.31 7.77
CA PHE A 108 -2.30 -9.04 6.74
C PHE A 108 -1.04 -8.25 6.35
N LEU A 109 -1.19 -6.95 6.16
CA LEU A 109 -0.02 -6.14 5.77
C LEU A 109 0.99 -6.04 6.89
N VAL A 110 0.51 -5.96 8.14
CA VAL A 110 1.42 -5.98 9.30
C VAL A 110 2.21 -7.28 9.30
N SER A 111 1.49 -8.39 9.12
CA SER A 111 2.13 -9.70 9.12
CA SER A 111 2.08 -9.72 9.08
C SER A 111 3.12 -9.85 7.98
N SER A 112 3.00 -9.00 6.97
CA SER A 112 3.89 -9.04 5.83
C SER A 112 5.07 -8.08 5.96
N GLY A 113 5.11 -7.32 7.06
CA GLY A 113 6.24 -6.45 7.31
C GLY A 113 6.10 -4.97 6.92
N PHE A 114 4.90 -4.58 6.48
CA PHE A 114 4.66 -3.18 6.10
C PHE A 114 4.25 -2.32 7.28
N LEU A 116 2.19 1.11 8.17
CA LEU A 116 1.17 1.94 7.54
C LEU A 116 0.91 3.20 8.34
N LYS A 117 0.31 4.18 7.69
CA LYS A 117 -0.24 5.36 8.37
C LYS A 117 -1.21 4.90 9.43
N ASP A 118 -1.29 5.66 10.53
CA ASP A 118 -2.20 5.35 11.64
C ASP A 118 -3.62 5.19 11.11
N SER A 119 -3.99 6.06 10.18
CA SER A 119 -5.37 6.12 9.67
C SER A 119 -5.72 4.95 8.76
N SER A 120 -4.75 4.13 8.41
CA SER A 120 -5.04 2.94 7.61
C SER A 120 -5.77 1.89 8.44
N LEU A 121 -5.72 2.05 9.76
CA LEU A 121 -6.49 1.20 10.67
C LEU A 121 -7.61 2.01 11.31
N ARG A 122 -7.25 3.16 11.88
CA ARG A 122 -8.19 3.98 12.63
C ARG A 122 -7.86 5.47 12.46
N ALA A 123 -8.83 6.25 11.98
CA ALA A 123 -8.67 7.70 11.86
C ALA A 123 -8.43 8.35 13.21
N SER A 124 -7.46 9.24 13.28
CA SER A 124 -7.20 9.97 14.52
C SER A 124 -6.92 11.44 14.21
N SER A 125 -7.39 12.32 15.09
CA SER A 125 -7.14 13.75 14.96
C SER A 125 -5.86 14.15 15.67
N HIS A 126 -5.22 13.17 16.32
CA HIS A 126 -4.08 13.46 17.18
C HIS A 126 -2.72 13.24 16.50
N GLY A 127 -2.67 12.32 15.54
CA GLY A 127 -1.43 12.03 14.84
C GLY A 127 -1.62 11.26 13.54
N GLU A 128 -0.53 11.08 12.79
CA GLU A 128 -0.59 10.45 11.47
C GLU A 128 0.39 9.28 11.37
N LEU A 129 1.58 9.47 11.95
CA LEU A 129 2.63 8.47 11.90
C LEU A 129 3.03 8.04 13.29
N THR A 130 2.10 8.07 14.23
CA THR A 130 2.47 7.80 15.62
C THR A 130 2.93 6.35 15.82
N HIS A 131 2.26 5.39 15.18
CA HIS A 131 2.70 4.00 15.31
C HIS A 131 4.09 3.83 14.69
N ALA A 132 4.34 4.48 13.56
CA ALA A 132 5.67 4.46 12.96
C ALA A 132 6.70 5.00 13.94
N ILE A 133 6.35 6.08 14.63
CA ILE A 133 7.24 6.66 15.65
C ILE A 133 7.46 5.74 16.84
N GLN A 134 6.41 5.06 17.32
CA GLN A 134 6.58 4.08 18.39
C GLN A 134 7.63 3.06 18.02
N TRP A 135 7.52 2.53 16.81
CA TRP A 135 8.49 1.55 16.34
C TRP A 135 9.89 2.14 16.21
N CYS A 136 10.01 3.38 15.71
CA CYS A 136 11.33 4.02 15.69
C CYS A 136 11.93 4.13 17.08
N LEU A 137 11.10 4.43 18.09
CA LEU A 137 11.63 4.56 19.46
C LEU A 137 12.16 3.21 19.96
N ILE A 138 11.38 2.15 19.72
CA ILE A 138 11.79 0.78 20.04
C ILE A 138 13.10 0.41 19.35
N ILE A 139 13.20 0.69 18.06
CA ILE A 139 14.41 0.39 17.30
C ILE A 139 15.61 1.19 17.79
N LEU A 140 15.45 2.49 17.97
CA LEU A 140 16.52 3.33 18.53
C LEU A 140 16.96 2.87 19.92
N LYS A 141 16.00 2.44 20.75
CA LYS A 141 16.36 1.94 22.07
C LYS A 141 17.27 0.71 21.93
N ARG A 142 16.89 -0.22 21.06
CA ARG A 142 17.69 -1.45 20.89
C ARG A 142 19.08 -1.14 20.34
N LYS A 143 19.18 -0.17 19.43
CA LYS A 143 20.48 0.23 18.91
C LYS A 143 21.36 0.81 20.02
N LYS A 144 20.74 1.49 20.97
CA LYS A 144 21.49 2.08 22.09
C LYS A 144 21.86 0.98 23.09
N ASP A 145 20.89 0.12 23.38
CA ASP A 145 21.02 -0.86 24.44
C ASP A 145 20.56 -2.21 23.93
N SER A 146 21.49 -3.06 23.52
CA SER A 146 21.14 -4.35 22.91
C SER A 146 20.33 -5.24 23.85
N SER A 147 20.59 -5.13 25.15
CA SER A 147 19.90 -5.95 26.15
C SER A 147 18.40 -5.71 26.20
N PHE A 148 17.98 -4.54 25.71
CA PHE A 148 16.56 -4.22 25.65
C PHE A 148 15.78 -5.29 24.91
N LEU A 149 16.28 -5.72 23.75
CA LEU A 149 15.60 -6.77 23.00
C LEU A 149 16.40 -8.06 23.01
N GLU A 150 17.03 -8.32 24.16
CA GLU A 150 17.70 -9.60 24.41
C GLU A 150 18.75 -9.91 23.34
N ASN A 151 19.36 -8.84 22.83
CA ASN A 151 20.46 -8.94 21.87
C ASN A 151 20.08 -9.61 20.55
N ILE A 152 18.81 -9.51 20.15
CA ILE A 152 18.44 -9.93 18.80
C ILE A 152 19.08 -8.93 17.83
N PRO A 153 19.40 -9.38 16.61
CA PRO A 153 19.93 -8.42 15.64
C PRO A 153 18.89 -7.36 15.31
N THR A 154 19.34 -6.13 15.12
CA THR A 154 18.41 -5.03 14.86
C THR A 154 17.58 -5.32 13.62
N SER A 155 18.20 -5.92 12.62
CA SER A 155 17.54 -6.21 11.35
C SER A 155 16.46 -7.30 11.48
N GLU A 156 16.38 -7.93 12.64
CA GLU A 156 15.37 -8.99 12.85
C GLU A 156 14.20 -8.56 13.72
N ILE A 157 14.15 -7.28 14.07
CA ILE A 157 13.07 -6.76 14.90
C ILE A 157 11.72 -6.94 14.21
N CYS A 158 11.67 -6.67 12.91
CA CYS A 158 10.40 -6.79 12.17
C CYS A 158 9.92 -8.25 12.17
N ASP A 159 10.78 -9.16 11.73
CA ASP A 159 10.40 -10.57 11.67
C ASP A 159 10.07 -11.18 13.04
N ARG A 160 10.88 -10.86 14.05
CA ARG A 160 10.74 -11.52 15.36
C ARG A 160 9.62 -10.95 16.22
N ILE A 161 9.24 -9.71 15.96
CA ILE A 161 8.23 -9.05 16.79
C ILE A 161 7.04 -8.49 15.99
N TYR A 162 7.30 -7.48 15.18
CA TYR A 162 6.22 -6.77 14.48
C TYR A 162 5.31 -7.67 13.65
N LYS A 163 5.87 -8.52 12.80
CA LYS A 163 5.05 -9.38 11.94
C LYS A 163 4.15 -10.28 12.75
N LYS A 164 4.62 -10.71 13.90
CA LYS A 164 3.84 -11.63 14.71
C LYS A 164 2.63 -10.96 15.33
N LEU A 165 2.65 -9.63 15.38
CA LEU A 165 1.51 -8.86 15.87
C LEU A 165 0.33 -8.93 14.91
N GLY A 166 0.60 -9.35 13.67
CA GLY A 166 -0.46 -9.54 12.70
C GLY A 166 -0.90 -10.99 12.55
N HIS A 167 -0.26 -11.88 13.30
CA HIS A 167 -0.62 -13.29 13.27
C HIS A 167 -1.81 -13.51 14.18
N GLN A 168 -2.70 -14.41 13.80
CA GLN A 168 -3.88 -14.62 14.63
C GLN A 168 -3.56 -15.12 16.05
N ASP A 169 -2.38 -15.72 16.23
CA ASP A 169 -1.95 -16.17 17.56
C ASP A 169 -1.76 -15.02 18.53
N SER A 170 -1.67 -13.79 18.02
CA SER A 170 -1.57 -12.63 18.90
C SER A 170 -2.89 -11.87 19.03
N SER A 171 -3.99 -12.56 18.70
CA SER A 171 -5.34 -12.02 18.88
C SER A 171 -6.26 -13.03 19.57
N ASN A 172 -5.86 -13.47 20.77
CA ASN A 172 -6.67 -14.36 21.59
C ASN A 172 -8.06 -13.78 21.79
N PRO A 173 -9.10 -14.50 21.33
CA PRO A 173 -10.47 -13.94 21.33
C PRO A 173 -11.11 -13.89 22.71
N ASN A 174 -10.44 -14.42 23.73
CA ASN A 174 -10.99 -14.41 25.08
C ASN A 174 -10.73 -13.08 25.79
N TYR A 175 -9.86 -12.29 25.19
CA TYR A 175 -9.37 -11.04 25.77
C TYR A 175 -9.75 -9.93 24.82
N PRO A 176 -10.24 -8.80 25.35
CA PRO A 176 -10.70 -7.73 24.43
C PRO A 176 -9.60 -7.02 23.68
N PHE A 177 -8.34 -7.21 24.07
CA PHE A 177 -7.23 -6.50 23.43
C PHE A 177 -6.31 -7.48 22.71
N THR A 178 -5.83 -7.09 21.54
CA THR A 178 -4.82 -7.86 20.82
C THR A 178 -3.45 -7.49 21.36
N CYS A 179 -2.43 -8.27 21.01
CA CYS A 179 -1.07 -7.94 21.43
C CYS A 179 -0.66 -6.60 20.83
N TRP A 180 -1.10 -6.34 19.61
CA TRP A 180 -0.92 -5.02 19.00
C TRP A 180 -1.47 -3.94 19.93
N ASP A 181 -2.73 -4.09 20.34
CA ASP A 181 -3.34 -3.17 21.30
C ASP A 181 -2.52 -2.99 22.59
N VAL A 182 -2.13 -4.10 23.21
CA VAL A 182 -1.47 -4.06 24.52
C VAL A 182 -0.13 -3.34 24.48
N LEU A 183 0.54 -3.44 23.33
CA LEU A 183 1.86 -2.84 23.18
C LEU A 183 1.81 -1.39 22.73
N ILE A 184 1.04 -1.10 21.68
CA ILE A 184 1.16 0.20 21.02
C ILE A 184 -0.17 0.84 20.66
N ASP A 185 -1.29 0.25 21.09
CA ASP A 185 -2.59 0.84 20.80
C ASP A 185 -3.50 0.79 22.03
N LYS A 186 -2.91 1.00 23.20
CA LYS A 186 -3.62 0.85 24.49
C LYS A 186 -4.21 2.19 24.92
N LEU A 187 -5.29 2.58 24.26
CA LEU A 187 -5.95 3.84 24.54
C LEU A 187 -6.35 3.94 26.00
N GLY A 188 -6.14 5.11 26.59
CA GLY A 188 -6.49 5.33 27.97
C GLY A 188 -5.28 5.35 28.91
N GLU A 189 -4.17 4.75 28.47
CA GLU A 189 -2.95 4.76 29.28
C GLU A 189 -2.28 6.13 29.24
N ILE A 190 -1.65 6.51 30.35
CA ILE A 190 -0.90 7.76 30.42
C ILE A 190 0.59 7.50 30.15
N ASP A 191 0.86 6.86 29.01
CA ASP A 191 2.23 6.61 28.54
C ASP A 191 2.24 6.27 27.06
N SER A 192 3.41 5.98 26.50
CA SER A 192 3.55 5.83 25.07
C SER A 192 2.94 4.55 24.49
N ARG A 193 2.37 3.70 25.33
CA ARG A 193 1.58 2.57 24.80
C ARG A 193 0.35 3.10 24.09
N SER A 194 -0.08 4.31 24.47
CA SER A 194 -1.20 4.95 23.79
C SER A 194 -0.68 5.92 22.76
N PRO A 195 -1.07 5.73 21.49
CA PRO A 195 -0.62 6.69 20.47
C PRO A 195 -1.20 8.08 20.69
N GLU A 196 -2.40 8.19 21.26
CA GLU A 196 -2.96 9.50 21.55
C GLU A 196 -2.10 10.21 22.58
N TRP A 197 -1.66 9.46 23.58
CA TRP A 197 -0.85 10.07 24.62
C TRP A 197 0.51 10.47 24.06
N LEU A 198 1.12 9.60 23.25
CA LEU A 198 2.43 9.91 22.70
C LEU A 198 2.39 11.10 21.75
N SER A 199 1.35 11.17 20.92
CA SER A 199 1.19 12.28 20.00
C SER A 199 1.08 13.61 20.73
N ASP A 200 0.30 13.63 21.81
CA ASP A 200 0.12 14.87 22.58
C ASP A 200 1.38 15.22 23.36
N HIS A 201 2.08 14.17 23.82
CA HIS A 201 3.34 14.35 24.52
C HIS A 201 4.35 15.07 23.63
N ILE A 202 4.41 14.68 22.37
CA ILE A 202 5.36 15.25 21.42
C ILE A 202 4.99 16.70 21.06
N GLN A 203 3.73 16.93 20.71
CA GLN A 203 3.28 18.25 20.29
C GLN A 203 3.32 19.29 21.41
N ASN A 204 3.25 18.83 22.65
CA ASN A 204 3.34 19.74 23.78
C ASN A 204 4.79 20.07 24.11
N ASP A 205 5.65 19.05 24.12
CA ASP A 205 7.06 19.19 24.44
C ASP A 205 7.29 20.12 25.63
N GLU A 206 6.82 19.70 26.80
CA GLU A 206 6.75 20.58 27.96
C GLU A 206 8.11 20.92 28.56
N ASP A 207 9.09 20.04 28.37
CA ASP A 207 10.43 20.27 28.89
C ASP A 207 11.35 20.84 27.79
N GLN A 208 10.76 21.12 26.63
CA GLN A 208 11.50 21.67 25.48
C GLN A 208 12.72 20.82 25.15
N ILE A 209 12.53 19.52 24.96
CA ILE A 209 13.62 18.60 24.67
C ILE A 209 13.52 17.98 23.27
N PHE A 210 12.41 18.25 22.58
CA PHE A 210 12.31 17.87 21.17
C PHE A 210 11.58 18.89 20.28
N PRO A 211 12.04 20.15 20.29
CA PRO A 211 11.34 21.24 19.62
C PRO A 211 11.26 21.09 18.10
N VAL A 212 12.25 20.44 17.49
CA VAL A 212 12.27 20.26 16.04
C VAL A 212 11.28 19.18 15.61
N LEU A 213 11.32 18.04 16.30
CA LEU A 213 10.37 16.97 16.05
C LEU A 213 8.95 17.48 16.27
N ARG A 214 8.78 18.34 17.28
CA ARG A 214 7.47 18.86 17.64
C ARG A 214 6.86 19.74 16.54
N GLU A 215 7.64 20.70 16.05
CA GLU A 215 7.15 21.65 15.06
C GLU A 215 6.84 20.96 13.72
N VAL A 216 7.70 20.01 13.33
CA VAL A 216 7.50 19.28 12.07
C VAL A 216 6.20 18.48 12.08
N ILE A 217 5.93 17.80 13.19
CA ILE A 217 4.71 17.01 13.35
C ILE A 217 3.44 17.88 13.34
N LYS A 218 3.51 19.05 13.97
CA LYS A 218 2.43 20.03 13.89
C LYS A 218 2.22 20.51 12.45
N ASN A 219 3.32 20.59 11.71
CA ASN A 219 3.32 21.21 10.38
C ASN A 219 2.66 20.39 9.28
N ARG A 220 2.13 19.22 9.62
CA ARG A 220 1.36 18.41 8.68
C ARG A 220 -0.03 18.14 9.24
N HIS B 2 -5.09 -6.38 -35.74
CA HIS B 2 -3.86 -6.50 -34.96
C HIS B 2 -4.06 -7.36 -33.70
N PHE B 4 -2.78 -11.24 -31.34
CA PHE B 4 -1.89 -12.37 -31.07
C PHE B 4 -2.68 -13.65 -30.86
N PHE B 5 -1.99 -14.79 -30.91
CA PHE B 5 -2.63 -16.08 -30.76
C PHE B 5 -1.95 -16.82 -29.60
N SER B 6 -2.73 -17.55 -28.81
CA SER B 6 -2.23 -18.04 -27.52
C SER B 6 -1.18 -19.16 -27.62
N LYS B 7 -1.13 -19.81 -28.78
CA LYS B 7 -0.17 -20.90 -29.02
C LYS B 7 1.10 -20.42 -29.75
N ASP B 8 1.09 -19.18 -30.23
CA ASP B 8 2.22 -18.59 -30.96
C ASP B 8 3.38 -18.27 -30.02
N GLU B 9 4.58 -18.75 -30.33
CA GLU B 9 5.76 -18.45 -29.52
C GLU B 9 6.19 -16.99 -29.69
N LYS B 10 5.69 -16.36 -30.74
CA LYS B 10 5.94 -14.93 -30.96
C LYS B 10 5.06 -14.06 -30.05
N ASN B 11 4.04 -14.67 -29.45
CA ASN B 11 3.18 -13.98 -28.50
C ASN B 11 4.04 -13.48 -27.33
N PRO B 12 4.02 -12.16 -27.11
CA PRO B 12 4.85 -11.57 -26.05
C PRO B 12 4.50 -12.16 -24.70
N ILE B 13 3.26 -12.64 -24.56
CA ILE B 13 2.84 -13.32 -23.34
C ILE B 13 3.73 -14.54 -23.08
N LYS B 14 3.89 -15.40 -24.07
CA LYS B 14 4.68 -16.61 -23.85
C LYS B 14 6.16 -16.28 -23.66
N ARG B 15 6.63 -15.22 -24.31
CA ARG B 15 8.03 -14.80 -24.19
C ARG B 15 8.34 -14.27 -22.80
N ALA B 16 7.29 -13.84 -22.10
CA ALA B 16 7.44 -13.21 -20.79
C ALA B 16 7.02 -14.12 -19.63
N LEU B 17 7.06 -15.43 -19.84
CA LEU B 17 6.68 -16.38 -18.80
C LEU B 17 7.73 -17.49 -18.67
N GLN B 18 7.71 -18.17 -17.52
CA GLN B 18 8.59 -19.32 -17.29
C GLN B 18 7.89 -20.29 -16.37
N GLY B 19 8.55 -21.41 -16.10
CA GLY B 19 8.08 -22.37 -15.12
C GLY B 19 6.65 -22.81 -15.33
N GLU B 20 5.86 -22.77 -14.26
CA GLU B 20 4.52 -23.33 -14.32
C GLU B 20 3.55 -22.40 -15.05
N LEU B 21 3.78 -21.10 -14.95
CA LEU B 21 2.92 -20.16 -15.66
C LEU B 21 3.03 -20.35 -17.17
N LEU B 22 4.24 -20.63 -17.64
CA LEU B 22 4.47 -20.87 -19.08
C LEU B 22 3.73 -22.12 -19.55
N GLN B 23 3.46 -23.04 -18.62
CA GLN B 23 2.77 -24.29 -18.95
C GLN B 23 1.27 -24.16 -18.75
N ASN B 24 0.85 -23.05 -18.17
CA ASN B 24 -0.57 -22.82 -17.85
C ASN B 24 -1.31 -22.28 -19.07
N GLU B 25 -1.84 -23.18 -19.89
CA GLU B 25 -2.53 -22.76 -21.11
C GLU B 25 -3.76 -21.88 -20.87
N PRO B 26 -4.60 -22.22 -19.87
CA PRO B 26 -5.75 -21.32 -19.65
C PRO B 26 -5.34 -19.91 -19.22
N PHE B 27 -4.26 -19.77 -18.46
CA PHE B 27 -3.79 -18.44 -18.09
C PHE B 27 -3.28 -17.70 -19.32
N ILE B 28 -2.53 -18.41 -20.15
CA ILE B 28 -1.98 -17.80 -21.36
C ILE B 28 -3.14 -17.35 -22.26
N GLN B 29 -4.19 -18.15 -22.31
CA GLN B 29 -5.34 -17.81 -23.13
C GLN B 29 -5.99 -16.54 -22.63
N LEU B 30 -6.14 -16.43 -21.31
CA LEU B 30 -6.78 -15.25 -20.73
C LEU B 30 -5.95 -14.01 -21.00
N CYS B 31 -4.63 -14.12 -20.89
CA CYS B 31 -3.77 -12.97 -21.11
C CYS B 31 -3.79 -12.54 -22.57
N THR B 32 -3.87 -13.52 -23.45
CA THR B 32 -3.92 -13.25 -24.88
C THR B 32 -5.22 -12.52 -25.22
N LYS B 33 -6.33 -12.94 -24.61
CA LYS B 33 -7.59 -12.23 -24.80
C LYS B 33 -7.47 -10.77 -24.36
N ILE B 34 -6.84 -10.56 -23.20
CA ILE B 34 -6.69 -9.21 -22.69
C ILE B 34 -5.79 -8.38 -23.60
N GLU B 35 -4.71 -8.98 -24.04
CA GLU B 35 -3.77 -8.33 -24.94
C GLU B 35 -4.47 -7.84 -26.20
N ASN B 36 -5.22 -8.75 -26.83
CA ASN B 36 -5.93 -8.43 -28.07
C ASN B 36 -7.01 -7.37 -27.88
N TYR B 37 -7.64 -7.39 -26.72
CA TYR B 37 -8.65 -6.39 -26.38
C TYR B 37 -8.04 -5.02 -26.21
N LEU B 38 -6.99 -4.92 -25.40
CA LEU B 38 -6.34 -3.62 -25.17
C LEU B 38 -5.74 -3.03 -26.44
N ASP B 40 -7.18 -3.13 -29.23
CA ASP B 40 -8.31 -2.75 -30.09
C ASP B 40 -8.99 -1.52 -29.50
N THR B 41 -8.57 -0.34 -29.95
CA THR B 41 -9.08 0.91 -29.37
C THR B 41 -10.59 1.07 -29.57
N GLU B 42 -11.09 0.65 -30.72
CA GLU B 42 -12.53 0.63 -30.97
C GLU B 42 -13.26 -0.15 -29.86
N ALA B 43 -12.74 -1.32 -29.51
CA ALA B 43 -13.31 -2.13 -28.44
C ALA B 43 -13.16 -1.47 -27.06
N VAL B 44 -11.95 -0.99 -26.75
CA VAL B 44 -11.69 -0.36 -25.47
C VAL B 44 -12.61 0.84 -25.27
N ASN B 45 -12.86 1.58 -26.34
CA ASN B 45 -13.71 2.76 -26.27
C ASN B 45 -15.11 2.43 -25.76
N GLU B 46 -15.58 1.23 -26.07
CA GLU B 46 -16.92 0.83 -25.63
C GLU B 46 -16.99 0.80 -24.10
N GLN B 47 -15.94 0.29 -23.46
CA GLN B 47 -15.91 0.27 -22.00
C GLN B 47 -15.57 1.63 -21.39
N LEU B 48 -14.84 2.47 -22.12
CA LEU B 48 -14.59 3.83 -21.64
C LEU B 48 -15.90 4.62 -21.65
N ILE B 49 -16.71 4.41 -22.68
CA ILE B 49 -18.05 5.01 -22.75
C ILE B 49 -18.87 4.53 -21.57
N GLU B 50 -18.77 3.24 -21.26
CA GLU B 50 -19.56 2.68 -20.16
C GLU B 50 -19.09 3.21 -18.81
N LEU B 51 -17.79 3.26 -18.60
CA LEU B 51 -17.23 3.82 -17.37
C LEU B 51 -17.67 5.28 -17.24
N ASN B 52 -17.58 6.02 -18.34
CA ASN B 52 -18.05 7.39 -18.37
C ASN B 52 -19.51 7.53 -18.01
N GLU B 53 -20.36 6.65 -18.55
CA GLU B 53 -21.79 6.74 -18.30
C GLU B 53 -22.09 6.47 -16.83
N GLN B 54 -21.45 5.46 -16.26
CA GLN B 54 -21.66 5.16 -14.85
C GLN B 54 -21.25 6.33 -13.97
N LEU B 55 -20.08 6.89 -14.25
CA LEU B 55 -19.58 8.03 -13.50
C LEU B 55 -20.51 9.23 -13.64
N THR B 56 -20.95 9.49 -14.87
CA THR B 56 -21.81 10.65 -15.12
C THR B 56 -23.11 10.54 -14.35
N ARG B 58 -23.70 8.73 -11.67
CA ARG B 58 -23.36 8.77 -10.26
C ARG B 58 -23.21 10.22 -9.78
N LEU B 59 -22.44 11.02 -10.52
CA LEU B 59 -22.28 12.44 -10.17
C LEU B 59 -23.60 13.20 -10.17
N LYS B 60 -24.42 12.98 -11.22
CA LYS B 60 -25.70 13.69 -11.33
C LYS B 60 -26.60 13.34 -10.17
N GLU B 61 -26.63 12.08 -9.79
CA GLU B 61 -27.48 11.64 -8.69
C GLU B 61 -27.03 12.30 -7.37
N LYS B 62 -25.72 12.45 -7.20
CA LYS B 62 -25.15 12.99 -5.97
C LYS B 62 -25.16 14.51 -5.94
N GLY B 63 -25.52 15.13 -7.05
CA GLY B 63 -25.54 16.59 -7.11
C GLY B 63 -24.15 17.19 -7.23
N LEU B 64 -23.25 16.45 -7.86
CA LEU B 64 -21.87 16.89 -8.03
C LEU B 64 -21.56 17.24 -9.48
N LYS B 65 -20.73 18.26 -9.69
CA LYS B 65 -20.22 18.59 -11.01
C LYS B 65 -18.86 17.93 -11.19
N PRO B 66 -18.48 17.58 -12.44
CA PRO B 66 -17.24 16.85 -12.69
C PRO B 66 -16.00 17.56 -12.18
N GLY B 67 -16.06 18.90 -12.11
CA GLY B 67 -14.92 19.69 -11.70
C GLY B 67 -14.68 19.81 -10.21
N GLU B 68 -15.69 19.44 -9.40
CA GLU B 68 -15.55 19.52 -7.95
C GLU B 68 -14.64 18.44 -7.39
N LYS B 69 -14.18 18.63 -6.16
CA LYS B 69 -13.30 17.65 -5.50
C LYS B 69 -14.07 16.39 -5.14
N GLY B 70 -15.37 16.55 -4.86
CA GLY B 70 -16.24 15.42 -4.58
C GLY B 70 -16.31 14.44 -5.74
N ALA B 71 -16.11 14.95 -6.96
CA ALA B 71 -16.21 14.13 -8.16
C ALA B 71 -15.06 13.12 -8.18
N THR B 72 -13.87 13.57 -7.81
CA THR B 72 -12.72 12.69 -7.73
C THR B 72 -12.98 11.51 -6.79
N LYS B 73 -13.56 11.81 -5.62
CA LYS B 73 -13.88 10.76 -4.66
C LYS B 73 -14.85 9.75 -5.27
N GLN B 74 -15.84 10.23 -6.02
CA GLN B 74 -16.81 9.34 -6.65
C GLN B 74 -16.15 8.42 -7.68
N LEU B 75 -15.22 8.95 -8.46
CA LEU B 75 -14.51 8.11 -9.41
C LEU B 75 -13.69 7.05 -8.70
N ARG B 76 -12.99 7.43 -7.64
CA ARG B 76 -12.21 6.46 -6.88
C ARG B 76 -13.08 5.37 -6.29
N THR B 77 -14.26 5.77 -5.83
CA THR B 77 -15.18 4.79 -5.22
C THR B 77 -15.74 3.84 -6.29
N LEU B 78 -16.09 4.39 -7.45
CA LEU B 78 -16.59 3.61 -8.57
C LEU B 78 -15.54 2.60 -9.04
N ILE B 79 -14.30 3.07 -9.14
CA ILE B 79 -13.20 2.19 -9.55
C ILE B 79 -13.06 1.06 -8.54
N GLN B 80 -13.05 1.41 -7.26
CA GLN B 80 -12.98 0.38 -6.22
C GLN B 80 -14.14 -0.61 -6.29
N GLU B 81 -15.35 -0.13 -6.58
CA GLU B 81 -16.51 -1.02 -6.66
C GLU B 81 -16.33 -2.06 -7.75
N ILE B 82 -15.84 -1.62 -8.90
CA ILE B 82 -15.64 -2.51 -10.03
C ILE B 82 -14.56 -3.55 -9.70
N LEU B 83 -13.47 -3.09 -9.09
CA LEU B 83 -12.38 -3.99 -8.71
C LEU B 83 -12.85 -5.01 -7.66
N THR B 84 -13.67 -4.57 -6.72
CA THR B 84 -14.20 -5.46 -5.69
C THR B 84 -15.06 -6.57 -6.32
N GLU B 85 -15.82 -6.24 -7.36
CA GLU B 85 -16.61 -7.27 -8.07
C GLU B 85 -15.72 -8.35 -8.65
N ALA B 86 -14.47 -7.98 -8.95
CA ALA B 86 -13.54 -8.88 -9.62
C ALA B 86 -12.63 -9.63 -8.65
N GLY B 87 -12.83 -9.42 -7.35
CA GLY B 87 -12.07 -10.13 -6.32
C GLY B 87 -10.85 -9.42 -5.77
N PHE B 88 -10.66 -8.15 -6.12
CA PHE B 88 -9.56 -7.36 -5.57
C PHE B 88 -9.82 -6.97 -4.10
N ARG B 89 -8.73 -6.65 -3.40
CA ARG B 89 -8.84 -6.17 -2.04
C ARG B 89 -9.58 -4.84 -1.99
N GLU B 90 -10.23 -4.58 -0.86
CA GLU B 90 -10.91 -3.32 -0.59
C GLU B 90 -9.90 -2.30 0.00
N GLY B 91 -9.44 -1.39 -0.85
CA GLY B 91 -8.41 -0.44 -0.47
C GLY B 91 -7.32 -0.52 -1.50
N LEU B 93 -3.63 0.61 -2.70
CA LEU B 93 -2.48 1.01 -1.89
C LEU B 93 -1.55 1.97 -2.61
N GLN B 94 -0.88 2.81 -1.83
CA GLN B 94 0.19 3.66 -2.33
C GLN B 94 1.21 3.83 -1.22
N THR B 95 2.42 4.19 -1.59
CA THR B 95 3.38 4.64 -0.59
C THR B 95 3.01 6.04 -0.14
N ILE B 96 3.29 6.38 1.11
CA ILE B 96 2.94 7.70 1.62
C ILE B 96 3.57 8.84 0.83
N GLY B 97 4.84 8.67 0.44
CA GLY B 97 5.53 9.72 -0.30
C GLY B 97 5.39 9.60 -1.82
N ASN B 98 4.59 8.66 -2.28
CA ASN B 98 4.39 8.42 -3.72
C ASN B 98 5.69 8.03 -4.43
N LYS B 99 6.54 7.30 -3.74
CA LYS B 99 7.77 6.78 -4.30
C LYS B 99 7.54 5.35 -4.76
N PRO B 100 8.30 4.91 -5.76
CA PRO B 100 8.03 3.55 -6.23
C PRO B 100 8.47 2.52 -5.20
N LEU B 101 7.74 1.41 -5.15
CA LEU B 101 8.08 0.26 -4.32
C LEU B 101 9.22 -0.51 -4.97
N ALA B 102 10.02 -1.21 -4.16
CA ALA B 102 11.02 -2.11 -4.70
C ALA B 102 10.27 -3.25 -5.39
N ALA B 103 10.95 -3.93 -6.32
CA ALA B 103 10.31 -4.96 -7.13
C ALA B 103 9.69 -6.05 -6.26
N ALA B 104 10.42 -6.51 -5.26
CA ALA B 104 9.91 -7.57 -4.40
C ALA B 104 8.63 -7.14 -3.70
N ASP B 105 8.51 -5.85 -3.40
CA ASP B 105 7.36 -5.39 -2.62
C ASP B 105 6.13 -5.18 -3.50
N PHE B 106 6.31 -4.59 -4.69
CA PHE B 106 5.15 -4.49 -5.56
C PHE B 106 4.65 -5.85 -6.06
N PHE B 108 4.83 -8.57 -4.43
CA PHE B 108 4.10 -9.17 -3.30
C PHE B 108 2.68 -8.62 -3.17
N LEU B 109 2.54 -7.30 -3.29
CA LEU B 109 1.24 -6.68 -3.12
C LEU B 109 0.29 -7.06 -4.26
N VAL B 110 0.81 -7.14 -5.49
CA VAL B 110 0.01 -7.62 -6.62
C VAL B 110 -0.43 -9.07 -6.39
N SER B 111 0.53 -9.91 -5.99
CA SER B 111 0.25 -11.33 -5.70
C SER B 111 -0.81 -11.47 -4.62
N SER B 112 -0.93 -10.44 -3.78
CA SER B 112 -1.84 -10.46 -2.64
C SER B 112 -3.22 -9.91 -2.97
N GLY B 113 -3.38 -9.37 -4.18
CA GLY B 113 -4.68 -8.92 -4.62
C GLY B 113 -4.95 -7.44 -4.46
N PHE B 114 -3.92 -6.67 -4.11
CA PHE B 114 -4.11 -5.22 -3.96
C PHE B 114 -3.88 -4.49 -5.27
N LEU B 116 -2.70 -1.02 -6.87
CA LEU B 116 -1.76 -0.01 -6.44
C LEU B 116 -1.90 1.22 -7.31
N LYS B 117 -1.58 2.37 -6.72
CA LYS B 117 -1.50 3.65 -7.40
C LYS B 117 -0.34 3.56 -8.40
N ASP B 118 -0.47 4.22 -9.54
CA ASP B 118 0.52 4.11 -10.62
C ASP B 118 1.95 4.40 -10.17
N SER B 119 2.16 5.51 -9.47
CA SER B 119 3.49 5.94 -9.09
C SER B 119 4.15 5.04 -8.04
N SER B 120 3.36 4.19 -7.39
CA SER B 120 3.92 3.25 -6.42
C SER B 120 4.46 2.03 -7.15
N LEU B 121 3.96 1.80 -8.36
CA LEU B 121 4.37 0.64 -9.13
C LEU B 121 5.63 0.94 -9.93
N ARG B 122 5.77 2.20 -10.35
CA ARG B 122 6.85 2.63 -11.22
C ARG B 122 6.85 4.16 -11.33
N ALA B 123 8.02 4.78 -11.40
CA ALA B 123 8.12 6.22 -11.60
C ALA B 123 7.41 6.62 -12.90
N SER B 124 6.23 7.23 -12.78
CA SER B 124 5.40 7.52 -13.95
C SER B 124 4.80 8.92 -13.99
N SER B 125 4.47 9.37 -15.20
CA SER B 125 3.70 10.59 -15.42
C SER B 125 2.52 10.30 -16.34
N HIS B 126 1.51 9.64 -15.78
CA HIS B 126 0.27 9.36 -16.51
C HIS B 126 -0.87 9.20 -15.51
N GLY B 127 -0.98 10.15 -14.59
CA GLY B 127 -2.02 10.12 -13.59
C GLY B 127 -1.77 9.13 -12.48
N GLU B 128 -2.81 8.84 -11.72
CA GLU B 128 -2.66 8.07 -10.50
C GLU B 128 -3.29 6.69 -10.61
N LEU B 129 -4.36 6.59 -11.42
CA LEU B 129 -5.15 5.38 -11.43
C LEU B 129 -5.26 4.73 -12.81
N THR B 130 -4.28 4.95 -13.68
CA THR B 130 -4.42 4.40 -15.02
C THR B 130 -4.41 2.86 -15.03
N HIS B 131 -3.56 2.23 -14.22
CA HIS B 131 -3.59 0.78 -14.15
C HIS B 131 -4.92 0.28 -13.59
N ALA B 132 -5.45 0.97 -12.58
CA ALA B 132 -6.75 0.59 -12.04
C ALA B 132 -7.81 0.70 -13.14
N ILE B 133 -7.72 1.74 -13.95
CA ILE B 133 -8.67 1.92 -15.07
C ILE B 133 -8.54 0.80 -16.11
N GLN B 134 -7.30 0.43 -16.48
CA GLN B 134 -7.10 -0.72 -17.37
C GLN B 134 -7.85 -1.94 -16.85
N TRP B 135 -7.73 -2.20 -15.56
CA TRP B 135 -8.39 -3.35 -14.97
C TRP B 135 -9.90 -3.19 -14.96
N CYS B 136 -10.39 -1.98 -14.71
CA CYS B 136 -11.83 -1.75 -14.78
C CYS B 136 -12.34 -2.00 -16.19
N LEU B 137 -11.55 -1.61 -17.19
CA LEU B 137 -11.98 -1.82 -18.57
C LEU B 137 -12.07 -3.31 -18.88
N ILE B 138 -11.08 -4.06 -18.41
CA ILE B 138 -11.05 -5.51 -18.60
C ILE B 138 -12.27 -6.13 -17.91
N ILE B 139 -12.53 -5.71 -16.69
CA ILE B 139 -13.66 -6.23 -15.92
C ILE B 139 -15.00 -5.89 -16.58
N LEU B 140 -15.19 -4.62 -16.94
CA LEU B 140 -16.42 -4.24 -17.66
C LEU B 140 -16.61 -5.01 -18.97
N LYS B 141 -15.52 -5.25 -19.69
CA LYS B 141 -15.59 -6.02 -20.95
C LYS B 141 -16.10 -7.43 -20.67
N ARG B 142 -15.59 -8.05 -19.61
CA ARG B 142 -16.02 -9.40 -19.25
C ARG B 142 -17.48 -9.39 -18.85
N LYS B 143 -17.90 -8.34 -18.13
CA LYS B 143 -19.32 -8.26 -17.77
C LYS B 143 -20.18 -8.10 -19.02
N LYS B 144 -19.64 -7.45 -20.06
CA LYS B 144 -20.39 -7.27 -21.30
C LYS B 144 -20.43 -8.54 -22.14
N ASP B 145 -19.29 -9.24 -22.18
CA ASP B 145 -19.17 -10.44 -23.00
C ASP B 145 -18.44 -11.48 -22.20
N SER B 146 -19.19 -12.43 -21.63
CA SER B 146 -18.59 -13.42 -20.75
C SER B 146 -17.49 -14.23 -21.43
N SER B 147 -17.61 -14.44 -22.74
CA SER B 147 -16.63 -15.25 -23.45
C SER B 147 -15.28 -14.59 -23.55
N PHE B 148 -15.24 -13.28 -23.32
CA PHE B 148 -13.97 -12.54 -23.35
C PHE B 148 -12.94 -13.20 -22.45
N LEU B 149 -13.36 -13.57 -21.25
CA LEU B 149 -12.46 -14.27 -20.31
C LEU B 149 -12.95 -15.69 -20.10
N GLU B 150 -13.42 -16.29 -21.20
CA GLU B 150 -13.72 -17.72 -21.23
C GLU B 150 -14.74 -18.12 -20.17
N ASN B 151 -15.68 -17.22 -19.89
CA ASN B 151 -16.78 -17.47 -18.97
C ASN B 151 -16.32 -17.72 -17.52
N ILE B 152 -15.10 -17.34 -17.18
CA ILE B 152 -14.72 -17.40 -15.78
C ILE B 152 -15.63 -16.48 -14.99
N PRO B 153 -15.92 -16.83 -13.72
CA PRO B 153 -16.73 -15.94 -12.90
C PRO B 153 -16.01 -14.60 -12.74
N THR B 154 -16.78 -13.52 -12.81
CA THR B 154 -16.21 -12.19 -12.72
C THR B 154 -15.42 -12.04 -11.42
N SER B 155 -15.93 -12.63 -10.35
CA SER B 155 -15.31 -12.57 -9.04
C SER B 155 -13.96 -13.28 -8.95
N GLU B 156 -13.59 -14.03 -9.98
CA GLU B 156 -12.33 -14.78 -9.97
C GLU B 156 -11.27 -14.15 -10.86
N ILE B 157 -11.56 -12.99 -11.41
CA ILE B 157 -10.59 -12.30 -12.27
C ILE B 157 -9.30 -11.99 -11.51
N CYS B 158 -9.42 -11.47 -10.30
CA CYS B 158 -8.22 -11.13 -9.52
C CYS B 158 -7.34 -12.37 -9.29
N ASP B 159 -7.94 -13.44 -8.78
CA ASP B 159 -7.20 -14.67 -8.48
C ASP B 159 -6.60 -15.36 -9.71
N ARG B 160 -7.37 -15.41 -10.79
CA ARG B 160 -6.98 -16.22 -11.93
C ARG B 160 -6.01 -15.49 -12.87
N ILE B 161 -6.02 -14.17 -12.79
CA ILE B 161 -5.19 -13.38 -13.69
C ILE B 161 -4.26 -12.39 -12.97
N TYR B 162 -4.85 -11.39 -12.32
CA TYR B 162 -4.08 -10.31 -11.73
C TYR B 162 -3.01 -10.79 -10.76
N LYS B 163 -3.38 -11.65 -9.82
CA LYS B 163 -2.41 -12.05 -8.80
C LYS B 163 -1.19 -12.75 -9.39
N LYS B 164 -1.41 -13.47 -10.48
CA LYS B 164 -0.34 -14.23 -11.11
C LYS B 164 0.72 -13.31 -11.72
N LEU B 165 0.36 -12.06 -11.98
CA LEU B 165 1.32 -11.09 -12.55
C LEU B 165 2.33 -10.58 -11.53
N GLY B 166 2.19 -11.01 -10.28
CA GLY B 166 3.20 -10.75 -9.25
C GLY B 166 4.01 -11.97 -8.84
N HIS B 167 3.76 -13.09 -9.50
CA HIS B 167 4.50 -14.31 -9.20
CA HIS B 167 4.48 -14.34 -9.24
C HIS B 167 5.85 -14.32 -9.92
N GLN B 168 6.82 -15.02 -9.34
CA GLN B 168 8.15 -15.10 -9.91
C GLN B 168 8.13 -15.60 -11.35
N ASP B 169 7.19 -16.50 -11.63
CA ASP B 169 7.04 -17.09 -12.96
C ASP B 169 6.48 -16.15 -14.01
N SER B 170 6.07 -14.95 -13.62
CA SER B 170 5.41 -14.02 -14.56
C SER B 170 6.42 -13.12 -15.27
N SER B 171 7.66 -13.59 -15.36
CA SER B 171 8.66 -12.99 -16.24
C SER B 171 9.57 -14.11 -16.73
N ASN B 172 10.34 -13.83 -17.78
CA ASN B 172 11.31 -14.78 -18.27
C ASN B 172 12.68 -14.12 -18.24
N PRO B 173 13.67 -14.77 -17.63
CA PRO B 173 14.95 -14.09 -17.41
C PRO B 173 15.74 -13.83 -18.70
N ASN B 174 15.25 -14.33 -19.84
CA ASN B 174 15.91 -14.06 -21.11
C ASN B 174 15.16 -13.03 -21.96
N TYR B 175 14.13 -12.41 -21.38
CA TYR B 175 13.27 -11.45 -22.07
C TYR B 175 13.10 -10.19 -21.21
N PRO B 176 13.23 -9.00 -21.82
CA PRO B 176 13.31 -7.73 -21.08
C PRO B 176 12.05 -7.29 -20.36
N PHE B 177 10.88 -7.79 -20.78
CA PHE B 177 9.61 -7.29 -20.26
C PHE B 177 8.86 -8.35 -19.49
N THR B 178 8.31 -7.99 -18.34
CA THR B 178 7.52 -8.93 -17.55
C THR B 178 6.17 -9.13 -18.20
N CYS B 179 5.43 -10.13 -17.74
CA CYS B 179 4.12 -10.39 -18.33
C CYS B 179 3.22 -9.18 -18.06
N TRP B 180 3.37 -8.61 -16.87
CA TRP B 180 2.70 -7.36 -16.53
C TRP B 180 3.00 -6.26 -17.54
N ASP B 181 4.28 -6.09 -17.88
CA ASP B 181 4.69 -5.07 -18.85
C ASP B 181 4.02 -5.26 -20.20
N VAL B 182 3.99 -6.50 -20.65
CA VAL B 182 3.46 -6.86 -21.95
C VAL B 182 1.96 -6.61 -22.04
N LEU B 183 1.27 -6.77 -20.92
CA LEU B 183 -0.18 -6.58 -20.90
C LEU B 183 -0.60 -5.12 -20.70
N ILE B 184 0.00 -4.46 -19.70
CA ILE B 184 -0.53 -3.18 -19.23
C ILE B 184 0.48 -2.11 -18.92
N ASP B 185 1.76 -2.36 -19.21
CA ASP B 185 2.79 -1.36 -18.98
C ASP B 185 3.76 -1.33 -20.14
N LYS B 186 3.20 -1.38 -21.35
CA LYS B 186 4.02 -1.53 -22.54
C LYS B 186 4.40 -0.17 -23.11
N LEU B 187 5.38 0.45 -22.45
CA LEU B 187 5.91 1.75 -22.87
C LEU B 187 6.21 1.78 -24.37
N GLY B 188 5.75 2.82 -25.04
CA GLY B 188 6.01 3.00 -26.46
C GLY B 188 4.86 2.61 -27.38
N GLU B 189 3.97 1.74 -26.91
CA GLU B 189 2.86 1.30 -27.76
C GLU B 189 1.82 2.40 -27.96
N ILE B 190 1.14 2.38 -29.10
CA ILE B 190 0.08 3.36 -29.37
C ILE B 190 -1.32 2.75 -29.20
N ASP B 191 -1.50 2.07 -28.06
CA ASP B 191 -2.81 1.55 -27.67
C ASP B 191 -2.84 1.37 -26.16
N SER B 192 -3.93 0.82 -25.63
CA SER B 192 -4.18 0.84 -24.19
C SER B 192 -3.28 -0.07 -23.37
N ARG B 193 -2.41 -0.83 -24.04
CA ARG B 193 -1.38 -1.57 -23.30
C ARG B 193 -0.39 -0.60 -22.66
N SER B 194 -0.29 0.60 -23.23
CA SER B 194 0.54 1.66 -22.64
C SER B 194 -0.31 2.58 -21.77
N PRO B 195 0.00 2.66 -20.47
CA PRO B 195 -0.78 3.56 -19.59
C PRO B 195 -0.61 5.03 -19.96
N GLU B 196 0.54 5.41 -20.54
CA GLU B 196 0.75 6.79 -20.98
CA GLU B 196 0.71 6.79 -20.94
C GLU B 196 -0.16 7.08 -22.16
N TRP B 197 -0.28 6.10 -23.06
CA TRP B 197 -1.12 6.29 -24.23
C TRP B 197 -2.59 6.37 -23.82
N LEU B 198 -2.99 5.47 -22.92
CA LEU B 198 -4.37 5.44 -22.45
C LEU B 198 -4.74 6.73 -21.73
N SER B 199 -3.85 7.19 -20.86
CA SER B 199 -4.06 8.45 -20.14
C SER B 199 -4.25 9.61 -21.12
N ASP B 200 -3.39 9.70 -22.13
CA ASP B 200 -3.51 10.74 -23.16
C ASP B 200 -4.82 10.59 -23.93
N HIS B 201 -5.16 9.36 -24.28
CA HIS B 201 -6.38 9.05 -25.03
C HIS B 201 -7.59 9.58 -24.30
N ILE B 202 -7.67 9.31 -23.01
CA ILE B 202 -8.77 9.78 -22.17
C ILE B 202 -8.85 11.31 -22.12
N GLN B 203 -7.72 11.96 -21.91
CA GLN B 203 -7.71 13.44 -21.83
C GLN B 203 -8.07 14.13 -23.14
N ASN B 204 -7.71 13.53 -24.27
CA ASN B 204 -7.99 14.16 -25.56
C ASN B 204 -9.44 13.96 -26.01
N ASP B 205 -10.03 12.82 -25.66
CA ASP B 205 -11.41 12.47 -26.00
C ASP B 205 -11.88 13.06 -27.33
N GLU B 206 -11.24 12.63 -28.42
CA GLU B 206 -11.46 13.23 -29.73
C GLU B 206 -12.89 13.13 -30.21
N ASP B 207 -13.56 12.05 -29.85
CA ASP B 207 -14.90 11.76 -30.38
C ASP B 207 -15.97 12.28 -29.42
N GLN B 208 -15.51 12.86 -28.31
CA GLN B 208 -16.39 13.36 -27.26
C GLN B 208 -17.29 12.27 -26.75
N ILE B 209 -16.70 11.11 -26.45
CA ILE B 209 -17.43 9.95 -25.98
C ILE B 209 -17.17 9.60 -24.52
N PHE B 210 -16.29 10.35 -23.86
CA PHE B 210 -16.15 10.23 -22.39
C PHE B 210 -15.77 11.55 -21.69
N PRO B 211 -16.59 12.59 -21.88
CA PRO B 211 -16.23 13.94 -21.42
C PRO B 211 -16.20 14.09 -19.91
N VAL B 212 -17.01 13.31 -19.19
CA VAL B 212 -17.03 13.43 -17.74
C VAL B 212 -15.84 12.69 -17.11
N LEU B 213 -15.55 11.48 -17.62
CA LEU B 213 -14.37 10.74 -17.18
C LEU B 213 -13.13 11.60 -17.42
N ARG B 214 -13.09 12.23 -18.60
CA ARG B 214 -11.97 13.10 -18.97
C ARG B 214 -11.78 14.22 -17.95
N GLU B 215 -12.85 14.95 -17.67
CA GLU B 215 -12.77 16.12 -16.79
C GLU B 215 -12.41 15.74 -15.35
N VAL B 216 -13.02 14.67 -14.84
CA VAL B 216 -12.74 14.26 -13.45
C VAL B 216 -11.26 13.89 -13.27
N ILE B 217 -10.72 13.09 -14.19
CA ILE B 217 -9.31 12.71 -14.13
C ILE B 217 -8.39 13.93 -14.23
N LYS B 218 -8.71 14.85 -15.14
CA LYS B 218 -7.90 16.05 -15.34
C LYS B 218 -7.92 16.98 -14.13
N ASN B 219 -9.02 16.99 -13.39
CA ASN B 219 -9.19 17.87 -12.24
C ASN B 219 -8.65 17.23 -10.97
#